data_7DLS
#
_entry.id   7DLS
#
_cell.length_a   91.522
_cell.length_b   52.172
_cell.length_c   87.896
_cell.angle_alpha   90.000
_cell.angle_beta   110.680
_cell.angle_gamma   90.000
#
_symmetry.space_group_name_H-M   'C 1 2 1'
#
loop_
_entity.id
_entity.type
_entity.pdbx_description
1 polymer 'Cytochrome P450 hydroxylase'
2 non-polymer 'PROTOPORPHYRIN IX CONTAINING FE'
3 non-polymer 1-(3,4-DIMETHOXYBENZYL)-6,7-DIMETHOXYISOQUINOLINE
4 water water
#
_entity_poly.entity_id   1
_entity_poly.type   'polypeptide(L)'
_entity_poly.pdbx_seq_one_letter_code
;MTEAVAFPQNRSCPYHPPTAYEPLREERPLSRVTLWNGRQVWFVTGHQAARALLGDQRLSTDSTREDFPLPTERSESLRR
QRRGALLGWDDPEHNEQRRMLIPSFTLRRAESMRPRIQAIVDRLLDDMIAAGPSAELVGAFALPVPSMVICELLGVPYGD
HEFFEEQSRRLLRGPAAEDIEKAFRSLEGYFGELIETKRTDPGEGVIDDLVARQREEGRPDDDELVQFATVLLVAGHETT
ANMISLATYTLLEHPARLAELRADPGLVPAAVEELLRFLSIADGLVRVAREDVPVGDQVIRAGEGVVFPTSLINRDDSVY
EHPDTLDWSRSARHHVAFGFGIHQCLGQNLARIELEIALGTLLRRLPGLRLAAPADRIPFKPGDTIQGMLELPVTW
;
_entity_poly.pdbx_strand_id   A
#
loop_
_chem_comp.id
_chem_comp.type
_chem_comp.name
_chem_comp.formula
EV1 non-polymer 1-(3,4-DIMETHOXYBENZYL)-6,7-DIMETHOXYISOQUINOLINE 'C20 H21 N O4'
HEM non-polymer 'PROTOPORPHYRIN IX CONTAINING FE' 'C34 H32 Fe N4 O4'
#
# COMPACT_ATOMS: atom_id res chain seq x y z
N GLU A 3 -14.92 15.93 -22.86
CA GLU A 3 -13.98 16.97 -22.35
C GLU A 3 -13.92 16.96 -20.80
N ALA A 4 -14.97 16.44 -20.12
CA ALA A 4 -14.94 16.07 -18.68
C ALA A 4 -14.26 14.71 -18.56
N VAL A 5 -13.36 14.52 -17.58
CA VAL A 5 -12.48 13.31 -17.52
C VAL A 5 -13.01 12.37 -16.46
N ALA A 6 -13.31 11.15 -16.85
CA ALA A 6 -13.83 10.10 -15.94
C ALA A 6 -12.73 9.63 -14.96
N PHE A 7 -13.16 9.27 -13.75
CA PHE A 7 -12.32 8.70 -12.68
C PHE A 7 -13.10 7.54 -12.05
N PRO A 8 -12.46 6.40 -11.72
CA PRO A 8 -11.05 6.15 -12.04
C PRO A 8 -10.87 5.65 -13.48
N GLN A 9 -9.64 5.64 -13.98
CA GLN A 9 -9.29 5.08 -15.31
C GLN A 9 -8.15 4.09 -15.17
N ASN A 10 -8.06 3.16 -16.12
CA ASN A 10 -6.96 2.18 -16.20
C ASN A 10 -5.68 2.87 -16.69
N ARG A 11 -4.53 2.53 -16.10
CA ARG A 11 -3.21 2.83 -16.70
C ARG A 11 -3.12 2.11 -18.05
N SER A 12 -2.45 2.74 -19.01
CA SER A 12 -2.05 2.14 -20.31
C SER A 12 -0.72 1.40 -20.12
N CYS A 13 0.18 2.06 -19.41
CA CYS A 13 1.52 1.58 -19.01
C CYS A 13 1.51 1.38 -17.50
N PRO A 14 1.80 0.18 -16.97
CA PRO A 14 1.76 -0.08 -15.53
C PRO A 14 2.46 0.99 -14.67
N TYR A 15 3.52 1.62 -15.17
CA TYR A 15 4.34 2.56 -14.36
C TYR A 15 4.16 4.02 -14.78
N HIS A 16 3.08 4.40 -15.45
CA HIS A 16 2.74 5.84 -15.66
C HIS A 16 1.27 6.06 -15.28
N PRO A 17 0.89 7.29 -14.84
CA PRO A 17 -0.52 7.61 -14.60
C PRO A 17 -1.38 7.41 -15.83
N PRO A 18 -2.70 7.14 -15.72
CA PRO A 18 -3.55 7.04 -16.91
C PRO A 18 -3.42 8.28 -17.81
N THR A 19 -3.37 8.07 -19.12
CA THR A 19 -3.12 9.09 -20.17
C THR A 19 -4.17 10.22 -20.13
N ALA A 20 -5.44 9.91 -19.86
CA ALA A 20 -6.56 10.88 -19.83
C ALA A 20 -6.33 11.99 -18.78
N TYR A 21 -5.60 11.71 -17.68
CA TYR A 21 -5.38 12.70 -16.61
C TYR A 21 -4.34 13.74 -17.04
N GLU A 22 -3.57 13.49 -18.12
CA GLU A 22 -2.42 14.34 -18.50
C GLU A 22 -2.86 15.81 -18.60
N PRO A 23 -3.95 16.14 -19.33
CA PRO A 23 -4.41 17.53 -19.43
C PRO A 23 -4.67 18.23 -18.07
N LEU A 24 -5.02 17.45 -17.04
CA LEU A 24 -5.45 18.01 -15.74
C LEU A 24 -4.24 18.37 -14.89
N ARG A 25 -3.03 17.92 -15.30
CA ARG A 25 -1.77 18.15 -14.54
C ARG A 25 -1.44 19.64 -14.51
N GLU A 26 -1.80 20.35 -15.58
CA GLU A 26 -1.63 21.82 -15.78
C GLU A 26 -2.59 22.63 -14.89
N GLU A 27 -3.68 22.04 -14.37
CA GLU A 27 -4.67 22.74 -13.51
C GLU A 27 -4.32 22.56 -12.03
N ARG A 28 -3.40 23.37 -11.51
CA ARG A 28 -2.94 23.29 -10.09
C ARG A 28 -3.47 24.50 -9.33
N PRO A 29 -3.79 24.38 -8.02
CA PRO A 29 -3.69 23.12 -7.29
C PRO A 29 -4.90 22.17 -7.36
N LEU A 30 -5.99 22.60 -7.98
CA LEU A 30 -7.27 21.83 -8.00
C LEU A 30 -7.78 21.71 -9.44
N SER A 31 -8.26 20.53 -9.80
CA SER A 31 -8.97 20.25 -11.07
C SER A 31 -10.22 19.46 -10.68
N ARG A 32 -10.87 18.80 -11.62
CA ARG A 32 -12.07 18.00 -11.27
C ARG A 32 -12.16 16.83 -12.24
N VAL A 33 -12.82 15.78 -11.78
CA VAL A 33 -13.08 14.56 -12.58
C VAL A 33 -14.51 14.14 -12.30
N THR A 34 -15.05 13.26 -13.14
CA THR A 34 -16.43 12.76 -13.01
C THR A 34 -16.39 11.28 -12.65
N LEU A 35 -17.18 10.87 -11.67
CA LEU A 35 -17.36 9.46 -11.24
C LEU A 35 -18.39 8.76 -12.14
N TRP A 36 -18.53 7.46 -11.93
CA TRP A 36 -19.34 6.53 -12.77
C TRP A 36 -20.78 7.06 -12.94
N ASN A 37 -21.29 7.82 -11.97
CA ASN A 37 -22.72 8.24 -11.97
C ASN A 37 -22.88 9.72 -12.33
N GLY A 38 -21.83 10.39 -12.84
CA GLY A 38 -21.82 11.80 -13.28
C GLY A 38 -21.46 12.76 -12.16
N ARG A 39 -21.38 12.28 -10.91
CA ARG A 39 -20.97 13.16 -9.79
C ARG A 39 -19.57 13.70 -10.07
N GLN A 40 -19.41 15.02 -10.00
CA GLN A 40 -18.08 15.66 -10.11
C GLN A 40 -17.44 15.79 -8.73
N VAL A 41 -16.12 15.59 -8.68
CA VAL A 41 -15.38 15.67 -7.40
C VAL A 41 -14.13 16.52 -7.65
N TRP A 42 -13.58 17.10 -6.61
CA TRP A 42 -12.28 17.82 -6.68
C TRP A 42 -11.13 16.82 -6.90
N PHE A 43 -10.12 17.22 -7.67
CA PHE A 43 -8.96 16.39 -8.11
C PHE A 43 -7.71 17.17 -7.74
N VAL A 44 -7.07 16.82 -6.61
CA VAL A 44 -5.92 17.61 -6.08
C VAL A 44 -4.63 17.25 -6.84
N THR A 45 -4.21 18.16 -7.70
CA THR A 45 -3.05 18.02 -8.62
C THR A 45 -1.82 18.72 -8.04
N GLY A 46 -2.03 19.60 -7.06
CA GLY A 46 -0.99 20.36 -6.35
C GLY A 46 -0.43 19.61 -5.14
N HIS A 47 0.88 19.46 -5.10
CA HIS A 47 1.62 18.75 -4.02
C HIS A 47 1.42 19.47 -2.69
N GLN A 48 1.73 20.77 -2.65
CA GLN A 48 1.60 21.58 -1.43
C GLN A 48 0.14 21.59 -0.96
N ALA A 49 -0.81 21.77 -1.88
CA ALA A 49 -2.26 21.76 -1.54
C ALA A 49 -2.64 20.38 -1.01
N ALA A 50 -2.10 19.30 -1.58
CA ALA A 50 -2.47 17.92 -1.17
C ALA A 50 -2.00 17.72 0.28
N ARG A 51 -0.78 18.15 0.60
CA ARG A 51 -0.21 17.96 1.96
C ARG A 51 -1.06 18.71 3.00
N ALA A 52 -1.48 19.92 2.66
CA ALA A 52 -2.27 20.78 3.55
C ALA A 52 -3.64 20.11 3.76
N LEU A 53 -4.29 19.62 2.71
CA LEU A 53 -5.66 19.03 2.78
C LEU A 53 -5.67 17.73 3.58
N LEU A 54 -4.63 16.91 3.44
CA LEU A 54 -4.58 15.59 4.11
C LEU A 54 -4.34 15.72 5.62
N GLY A 55 -3.95 16.89 6.12
CA GLY A 55 -3.92 17.21 7.57
C GLY A 55 -5.20 17.93 8.06
N ASP A 56 -6.19 18.16 7.19
CA ASP A 56 -7.40 18.97 7.52
C ASP A 56 -8.50 18.07 8.11
N GLN A 57 -8.87 18.31 9.36
CA GLN A 57 -9.89 17.56 10.15
C GLN A 57 -11.30 17.72 9.57
N ARG A 58 -11.49 18.64 8.61
CA ARG A 58 -12.81 18.83 7.94
C ARG A 58 -13.01 17.85 6.78
N LEU A 59 -11.96 17.16 6.33
CA LEU A 59 -12.12 16.05 5.36
C LEU A 59 -12.33 14.76 6.14
N SER A 60 -13.19 13.89 5.64
CA SER A 60 -13.63 12.64 6.28
C SER A 60 -13.33 11.44 5.39
N THR A 61 -13.05 10.32 6.02
CA THR A 61 -12.83 9.01 5.36
C THR A 61 -14.05 8.13 5.60
N ASP A 62 -15.13 8.71 6.12
CA ASP A 62 -16.27 7.91 6.64
C ASP A 62 -17.15 7.53 5.44
N SER A 63 -16.95 6.32 4.93
CA SER A 63 -17.65 5.75 3.76
C SER A 63 -19.05 5.28 4.18
N THR A 64 -19.43 5.51 5.44
CA THR A 64 -20.77 5.27 6.02
C THR A 64 -21.70 6.43 5.68
N ARG A 65 -21.17 7.65 5.48
CA ARG A 65 -21.97 8.84 5.16
C ARG A 65 -22.65 8.69 3.79
N GLU A 66 -23.89 9.15 3.68
CA GLU A 66 -24.66 9.15 2.41
C GLU A 66 -23.93 10.03 1.37
N ASP A 67 -23.24 11.08 1.78
CA ASP A 67 -22.52 11.99 0.85
C ASP A 67 -21.12 11.45 0.43
N PHE A 68 -20.64 10.31 0.96
CA PHE A 68 -19.26 9.86 0.62
C PHE A 68 -19.20 9.42 -0.84
N PRO A 69 -18.27 9.97 -1.65
CA PRO A 69 -18.12 9.54 -3.04
C PRO A 69 -17.62 8.10 -3.18
N LEU A 70 -18.43 7.26 -3.79
CA LEU A 70 -18.02 5.88 -4.14
C LEU A 70 -17.63 5.90 -5.61
N PRO A 71 -16.32 5.78 -5.92
CA PRO A 71 -15.79 6.07 -7.26
C PRO A 71 -16.37 5.18 -8.37
N THR A 72 -16.80 3.97 -7.98
CA THR A 72 -17.38 2.91 -8.85
C THR A 72 -18.76 2.51 -8.32
N GLU A 73 -19.61 1.99 -9.21
CA GLU A 73 -20.92 1.36 -8.90
C GLU A 73 -20.71 0.14 -7.99
N ARG A 74 -19.56 -0.53 -8.12
CA ARG A 74 -19.24 -1.80 -7.40
C ARG A 74 -19.01 -1.51 -5.92
N SER A 75 -18.36 -0.38 -5.61
CA SER A 75 -18.10 0.10 -4.23
C SER A 75 -19.38 0.68 -3.60
N GLU A 76 -20.47 0.78 -4.36
CA GLU A 76 -21.80 1.28 -3.87
C GLU A 76 -22.21 0.49 -2.62
N SER A 77 -21.81 -0.78 -2.49
CA SER A 77 -22.19 -1.71 -1.39
C SER A 77 -21.41 -1.42 -0.10
N LEU A 78 -20.47 -0.46 -0.08
CA LEU A 78 -19.70 -0.09 1.15
C LEU A 78 -20.64 0.62 2.14
N ARG A 79 -20.71 0.12 3.38
CA ARG A 79 -21.82 0.40 4.33
C ARG A 79 -21.69 1.85 4.83
N ARG A 82 -20.03 -1.69 7.96
CA ARG A 82 -19.18 -1.41 9.15
C ARG A 82 -17.99 -0.54 8.73
N ARG A 83 -17.61 0.41 9.58
CA ARG A 83 -16.44 1.31 9.39
C ARG A 83 -15.16 0.51 9.62
N GLY A 84 -14.24 0.53 8.65
CA GLY A 84 -12.92 -0.13 8.76
C GLY A 84 -12.04 0.55 9.79
N ALA A 85 -11.41 -0.24 10.66
CA ALA A 85 -10.48 0.21 11.71
C ALA A 85 -9.46 1.19 11.13
N LEU A 86 -9.19 2.26 11.88
CA LEU A 86 -8.27 3.39 11.58
C LEU A 86 -8.71 4.19 10.36
N LEU A 87 -8.60 3.64 9.14
CA LEU A 87 -8.75 4.46 7.90
C LEU A 87 -10.19 4.96 7.78
N GLY A 88 -11.18 4.13 8.11
CA GLY A 88 -12.61 4.47 7.96
C GLY A 88 -13.13 5.32 9.11
N TRP A 89 -12.26 5.89 9.95
CA TRP A 89 -12.63 6.67 11.16
C TRP A 89 -12.04 8.07 11.07
N ASP A 90 -12.75 9.06 11.59
CA ASP A 90 -12.26 10.44 11.80
C ASP A 90 -11.80 10.56 13.26
N ASP A 91 -11.02 11.59 13.56
CA ASP A 91 -10.61 11.94 14.94
C ASP A 91 -11.83 12.47 15.69
N PRO A 92 -11.94 12.35 17.03
CA PRO A 92 -10.91 11.72 17.88
C PRO A 92 -10.80 10.19 17.88
N GLU A 93 -11.85 9.49 17.46
CA GLU A 93 -11.90 8.01 17.54
C GLU A 93 -10.73 7.38 16.75
N HIS A 94 -10.39 7.95 15.58
CA HIS A 94 -9.27 7.49 14.72
C HIS A 94 -7.95 7.54 15.51
N ASN A 95 -7.63 8.67 16.15
CA ASN A 95 -6.38 8.88 16.90
C ASN A 95 -6.30 7.94 18.09
N GLU A 96 -7.42 7.78 18.81
CA GLU A 96 -7.53 6.79 19.91
C GLU A 96 -7.06 5.44 19.40
N GLN A 97 -7.48 5.04 18.20
CA GLN A 97 -7.12 3.71 17.64
C GLN A 97 -5.63 3.70 17.31
N ARG A 98 -5.15 4.75 16.65
CA ARG A 98 -3.78 4.83 16.08
C ARG A 98 -2.75 4.86 17.24
N ARG A 99 -3.01 5.68 18.26
CA ARG A 99 -2.20 5.78 19.51
C ARG A 99 -1.88 4.38 20.09
N MET A 100 -2.81 3.42 20.02
CA MET A 100 -2.59 2.04 20.57
C MET A 100 -1.61 1.26 19.68
N LEU A 101 -1.46 1.60 18.41
CA LEU A 101 -0.66 0.78 17.46
C LEU A 101 0.69 1.42 17.21
N ILE A 102 0.79 2.76 17.29
CA ILE A 102 1.98 3.58 16.92
C ILE A 102 3.26 2.98 17.51
N PRO A 103 3.30 2.62 18.81
CA PRO A 103 4.52 2.09 19.42
C PRO A 103 5.07 0.82 18.75
N SER A 104 4.21 0.04 18.09
CA SER A 104 4.61 -1.18 17.35
C SER A 104 5.27 -0.82 16.02
N PHE A 105 5.23 0.45 15.59
CA PHE A 105 5.62 0.84 14.20
C PHE A 105 6.64 1.98 14.20
N THR A 106 7.45 2.05 15.25
CA THR A 106 8.59 3.00 15.30
C THR A 106 9.64 2.54 14.28
N LEU A 107 10.52 3.45 13.89
CA LEU A 107 11.68 3.15 13.02
C LEU A 107 12.59 2.14 13.73
N ARG A 108 12.75 2.27 15.04
CA ARG A 108 13.57 1.34 15.85
C ARG A 108 13.01 -0.07 15.67
N ARG A 109 11.70 -0.26 15.86
CA ARG A 109 11.02 -1.56 15.62
C ARG A 109 11.21 -2.02 14.17
N ALA A 110 11.04 -1.13 13.20
CA ALA A 110 11.29 -1.49 11.79
C ALA A 110 12.71 -2.07 11.69
N GLU A 111 13.70 -1.31 12.18
CA GLU A 111 15.14 -1.64 12.10
C GLU A 111 15.41 -3.00 12.74
N SER A 112 14.82 -3.27 13.89
CA SER A 112 14.98 -4.51 14.67
C SER A 112 14.50 -5.72 13.83
N MET A 113 13.66 -5.52 12.83
CA MET A 113 13.13 -6.67 12.08
C MET A 113 13.96 -6.99 10.82
N ARG A 114 15.01 -6.22 10.49
CA ARG A 114 15.86 -6.49 9.28
C ARG A 114 16.24 -7.96 9.17
N PRO A 115 16.79 -8.63 10.22
CA PRO A 115 17.31 -9.99 10.08
C PRO A 115 16.20 -11.01 9.77
N ARG A 116 15.03 -10.85 10.39
CA ARG A 116 13.80 -11.63 10.12
C ARG A 116 13.35 -11.39 8.67
N ILE A 117 13.37 -10.15 8.19
CA ILE A 117 12.94 -9.87 6.80
C ILE A 117 13.96 -10.51 5.85
N GLN A 118 15.25 -10.39 6.14
CA GLN A 118 16.35 -10.96 5.30
C GLN A 118 16.13 -12.48 5.17
N ALA A 119 15.75 -13.15 6.26
CA ALA A 119 15.62 -14.61 6.31
C ALA A 119 14.41 -15.03 5.49
N ILE A 120 13.31 -14.28 5.58
CA ILE A 120 12.10 -14.57 4.77
C ILE A 120 12.47 -14.47 3.29
N VAL A 121 13.12 -13.37 2.91
CA VAL A 121 13.48 -13.05 1.50
C VAL A 121 14.44 -14.15 0.97
N ASP A 122 15.48 -14.46 1.73
CA ASP A 122 16.50 -15.50 1.38
C ASP A 122 15.81 -16.86 1.21
N ARG A 123 14.90 -17.23 2.10
CA ARG A 123 14.22 -18.56 2.04
C ARG A 123 13.42 -18.64 0.75
N LEU A 124 12.70 -17.57 0.41
CA LEU A 124 11.77 -17.59 -0.76
C LEU A 124 12.59 -17.62 -2.07
N LEU A 125 13.72 -16.89 -2.14
CA LEU A 125 14.57 -16.88 -3.35
C LEU A 125 15.32 -18.21 -3.48
N ASP A 126 15.82 -18.77 -2.37
CA ASP A 126 16.42 -20.14 -2.35
C ASP A 126 15.42 -21.12 -2.96
N ASP A 127 14.17 -21.09 -2.50
CA ASP A 127 13.11 -22.03 -2.99
C ASP A 127 12.83 -21.79 -4.47
N MET A 128 12.74 -20.52 -4.89
CA MET A 128 12.45 -20.13 -6.28
C MET A 128 13.62 -20.62 -7.17
N ILE A 129 14.85 -20.36 -6.77
CA ILE A 129 16.07 -20.76 -7.55
C ILE A 129 16.14 -22.29 -7.63
N ALA A 130 15.89 -23.02 -6.54
CA ALA A 130 15.96 -24.50 -6.53
C ALA A 130 14.91 -25.10 -7.47
N ALA A 131 13.72 -24.48 -7.60
CA ALA A 131 12.55 -25.03 -8.29
C ALA A 131 12.77 -25.03 -9.80
N GLY A 132 13.59 -24.15 -10.33
CA GLY A 132 13.70 -24.09 -11.78
C GLY A 132 14.31 -22.78 -12.24
N PRO A 133 14.58 -22.67 -13.56
CA PRO A 133 15.28 -21.54 -14.16
C PRO A 133 14.35 -20.36 -14.49
N SER A 134 13.03 -20.57 -14.37
CA SER A 134 12.03 -19.48 -14.52
C SER A 134 11.01 -19.47 -13.37
N ALA A 135 10.31 -18.35 -13.15
CA ALA A 135 9.30 -18.23 -12.08
C ALA A 135 8.21 -17.21 -12.45
N GLU A 136 7.04 -17.37 -11.87
CA GLU A 136 5.99 -16.32 -11.79
C GLU A 136 6.27 -15.56 -10.48
N LEU A 137 6.97 -14.41 -10.57
CA LEU A 137 7.62 -13.75 -9.39
C LEU A 137 6.56 -13.22 -8.42
N VAL A 138 5.39 -12.83 -8.90
CA VAL A 138 4.30 -12.38 -7.98
C VAL A 138 3.98 -13.51 -6.99
N GLY A 139 3.61 -14.71 -7.45
CA GLY A 139 3.29 -15.88 -6.58
C GLY A 139 4.49 -16.42 -5.80
N ALA A 140 5.69 -16.35 -6.36
CA ALA A 140 6.89 -17.05 -5.83
C ALA A 140 7.59 -16.13 -4.80
N PHE A 141 7.35 -14.81 -4.88
CA PHE A 141 8.16 -13.84 -4.11
C PHE A 141 7.31 -12.64 -3.64
N ALA A 142 6.77 -11.84 -4.57
CA ALA A 142 6.12 -10.54 -4.23
C ALA A 142 4.97 -10.73 -3.24
N LEU A 143 4.18 -11.79 -3.37
CA LEU A 143 3.00 -12.06 -2.52
C LEU A 143 3.43 -12.61 -1.15
N PRO A 144 4.21 -13.73 -1.05
CA PRO A 144 4.61 -14.26 0.26
C PRO A 144 5.56 -13.43 1.14
N VAL A 145 6.47 -12.64 0.59
CA VAL A 145 7.40 -11.82 1.44
C VAL A 145 6.52 -11.00 2.40
N PRO A 146 5.63 -10.08 1.94
CA PRO A 146 4.92 -9.19 2.86
C PRO A 146 3.99 -9.93 3.84
N SER A 147 3.37 -11.04 3.46
CA SER A 147 2.44 -11.75 4.37
C SER A 147 3.26 -12.44 5.46
N MET A 148 4.45 -12.94 5.11
CA MET A 148 5.39 -13.59 6.05
C MET A 148 5.99 -12.55 6.99
N VAL A 149 6.27 -11.36 6.48
CA VAL A 149 6.73 -10.26 7.37
C VAL A 149 5.64 -9.92 8.40
N ILE A 150 4.38 -9.92 7.98
CA ILE A 150 3.22 -9.50 8.82
C ILE A 150 3.03 -10.57 9.89
N CYS A 151 3.30 -11.83 9.54
CA CYS A 151 3.44 -12.92 10.54
C CYS A 151 4.36 -12.52 11.69
N GLU A 152 5.60 -12.17 11.36
CA GLU A 152 6.62 -11.77 12.37
C GLU A 152 6.13 -10.55 13.13
N LEU A 153 5.58 -9.56 12.40
CA LEU A 153 5.07 -8.31 12.98
C LEU A 153 4.00 -8.62 14.04
N LEU A 154 3.03 -9.47 13.72
CA LEU A 154 1.85 -9.69 14.59
C LEU A 154 2.22 -10.60 15.76
N GLY A 155 3.20 -11.50 15.57
CA GLY A 155 3.64 -12.50 16.56
C GLY A 155 2.96 -13.84 16.32
N VAL A 156 2.58 -14.11 15.07
CA VAL A 156 2.03 -15.43 14.67
C VAL A 156 3.15 -16.45 14.92
N PRO A 157 2.89 -17.53 15.70
CA PRO A 157 3.88 -18.58 15.91
C PRO A 157 4.29 -19.28 14.60
N TYR A 158 5.56 -19.70 14.56
CA TYR A 158 6.26 -20.30 13.39
C TYR A 158 5.38 -21.41 12.80
N GLY A 159 4.90 -22.33 13.64
CA GLY A 159 4.04 -23.45 13.22
C GLY A 159 2.83 -23.00 12.43
N ASP A 160 2.36 -21.76 12.64
CA ASP A 160 1.14 -21.20 12.00
C ASP A 160 1.51 -20.42 10.72
N HIS A 161 2.81 -20.22 10.43
CA HIS A 161 3.28 -19.36 9.30
C HIS A 161 2.70 -19.85 7.96
N GLU A 162 2.73 -21.16 7.71
CA GLU A 162 2.16 -21.78 6.49
C GLU A 162 0.66 -21.44 6.35
N PHE A 163 -0.15 -21.81 7.33
CA PHE A 163 -1.61 -21.49 7.36
C PHE A 163 -1.84 -20.01 7.06
N PHE A 164 -1.06 -19.13 7.71
CA PHE A 164 -1.20 -17.67 7.62
C PHE A 164 -0.88 -17.20 6.19
N GLU A 165 0.27 -17.62 5.66
CA GLU A 165 0.68 -17.29 4.26
C GLU A 165 -0.45 -17.72 3.32
N GLU A 166 -0.99 -18.93 3.53
CA GLU A 166 -1.99 -19.52 2.60
C GLU A 166 -3.28 -18.71 2.66
N GLN A 167 -3.84 -18.50 3.85
CA GLN A 167 -5.13 -17.79 4.05
C GLN A 167 -4.99 -16.34 3.55
N SER A 168 -3.86 -15.68 3.80
CA SER A 168 -3.63 -14.30 3.34
C SER A 168 -3.53 -14.27 1.82
N ARG A 169 -2.99 -15.34 1.21
CA ARG A 169 -2.94 -15.42 -0.27
C ARG A 169 -4.38 -15.59 -0.82
N ARG A 170 -5.21 -16.45 -0.25
CA ARG A 170 -6.61 -16.69 -0.69
C ARG A 170 -7.39 -15.36 -0.65
N LEU A 171 -7.14 -14.57 0.38
CA LEU A 171 -7.74 -13.22 0.58
C LEU A 171 -7.53 -12.34 -0.66
N LEU A 172 -6.34 -12.33 -1.26
CA LEU A 172 -6.00 -11.53 -2.46
C LEU A 172 -6.31 -12.23 -3.78
N ARG A 173 -5.98 -13.53 -3.90
CA ARG A 173 -6.04 -14.29 -5.17
C ARG A 173 -7.40 -14.98 -5.29
N GLY A 174 -8.11 -15.12 -4.16
CA GLY A 174 -9.29 -15.98 -3.94
C GLY A 174 -9.95 -16.40 -5.25
N PRO A 175 -9.61 -17.58 -5.81
CA PRO A 175 -10.15 -17.99 -7.12
C PRO A 175 -11.62 -17.54 -7.24
N ALA A 176 -12.43 -17.85 -6.22
CA ALA A 176 -13.86 -17.47 -6.10
C ALA A 176 -14.05 -16.45 -4.98
N ALA A 177 -15.09 -15.62 -5.08
CA ALA A 177 -15.53 -14.68 -4.02
C ALA A 177 -15.77 -15.45 -2.71
N GLU A 178 -16.19 -16.72 -2.78
CA GLU A 178 -16.44 -17.58 -1.60
C GLU A 178 -15.10 -17.87 -0.90
N ASP A 179 -14.00 -17.98 -1.65
CA ASP A 179 -12.63 -18.21 -1.09
C ASP A 179 -12.19 -16.96 -0.31
N ILE A 180 -12.55 -15.76 -0.77
CA ILE A 180 -12.19 -14.46 -0.10
C ILE A 180 -12.90 -14.39 1.26
N GLU A 181 -14.20 -14.74 1.34
CA GLU A 181 -15.02 -14.70 2.59
C GLU A 181 -14.57 -15.80 3.57
N LYS A 182 -14.31 -17.01 3.09
CA LYS A 182 -13.86 -18.17 3.92
C LYS A 182 -12.49 -17.86 4.54
N ALA A 183 -11.56 -17.29 3.76
CA ALA A 183 -10.21 -16.85 4.18
C ALA A 183 -10.32 -15.80 5.30
N PHE A 184 -11.18 -14.81 5.09
CA PHE A 184 -11.45 -13.70 6.02
C PHE A 184 -11.98 -14.24 7.35
N ARG A 185 -13.03 -15.07 7.29
CA ARG A 185 -13.67 -15.72 8.46
C ARG A 185 -12.66 -16.65 9.15
N SER A 186 -11.86 -17.37 8.35
CA SER A 186 -10.78 -18.26 8.84
C SER A 186 -9.74 -17.44 9.61
N LEU A 187 -9.26 -16.30 9.07
CA LEU A 187 -8.24 -15.44 9.76
C LEU A 187 -8.86 -14.75 10.98
N GLU A 188 -10.07 -14.20 10.90
CA GLU A 188 -10.72 -13.57 12.09
C GLU A 188 -10.86 -14.64 13.19
N GLY A 189 -11.47 -15.78 12.85
CA GLY A 189 -11.53 -16.96 13.73
C GLY A 189 -10.16 -17.32 14.29
N TYR A 190 -9.12 -17.37 13.46
CA TYR A 190 -7.74 -17.74 13.87
C TYR A 190 -7.18 -16.69 14.84
N PHE A 191 -7.38 -15.40 14.57
CA PHE A 191 -6.86 -14.30 15.40
C PHE A 191 -7.50 -14.37 16.79
N GLY A 192 -8.81 -14.67 16.82
CA GLY A 192 -9.58 -14.97 18.05
C GLY A 192 -8.85 -15.99 18.91
N GLU A 193 -8.60 -17.17 18.35
CA GLU A 193 -7.90 -18.28 19.05
C GLU A 193 -6.51 -17.82 19.49
N LEU A 194 -5.74 -17.17 18.61
CA LEU A 194 -4.31 -16.83 18.91
C LEU A 194 -4.26 -15.87 20.11
N ILE A 195 -5.23 -14.97 20.24
CA ILE A 195 -5.34 -14.03 21.40
C ILE A 195 -5.51 -14.82 22.72
N GLU A 196 -6.40 -15.83 22.76
CA GLU A 196 -6.58 -16.71 23.95
C GLU A 196 -5.24 -17.39 24.25
N THR A 197 -4.64 -18.01 23.24
CA THR A 197 -3.30 -18.67 23.29
C THR A 197 -2.25 -17.74 23.89
N LYS A 198 -2.19 -16.49 23.43
CA LYS A 198 -1.11 -15.52 23.77
C LYS A 198 -1.35 -14.97 25.17
N ARG A 199 -2.57 -15.16 25.69
CA ARG A 199 -2.89 -14.93 27.12
C ARG A 199 -2.08 -15.91 27.96
N THR A 200 -2.12 -17.19 27.57
CA THR A 200 -1.51 -18.34 28.28
C THR A 200 -0.23 -18.78 27.55
N ASP A 201 0.43 -17.88 26.80
CA ASP A 201 1.72 -18.14 26.11
C ASP A 201 2.58 -16.89 26.19
N PRO A 202 3.92 -16.99 26.02
CA PRO A 202 4.76 -15.80 25.89
C PRO A 202 4.34 -15.11 24.57
N GLY A 203 5.31 -14.61 23.79
CA GLY A 203 5.06 -13.96 22.49
C GLY A 203 5.60 -12.53 22.44
N GLU A 204 6.34 -12.22 21.38
CA GLU A 204 6.66 -10.85 20.92
C GLU A 204 5.83 -10.55 19.67
N GLY A 205 5.37 -9.32 19.51
CA GLY A 205 4.65 -8.86 18.31
C GLY A 205 3.47 -7.99 18.69
N VAL A 206 2.86 -7.36 17.68
CA VAL A 206 1.72 -6.42 17.82
C VAL A 206 0.61 -7.05 18.68
N ILE A 207 0.32 -8.33 18.51
CA ILE A 207 -0.80 -9.00 19.23
C ILE A 207 -0.49 -9.06 20.73
N ASP A 208 0.75 -9.40 21.10
CA ASP A 208 1.20 -9.44 22.52
C ASP A 208 1.26 -8.02 23.06
N ASP A 209 1.78 -7.07 22.29
CA ASP A 209 1.80 -5.63 22.64
C ASP A 209 0.37 -5.16 22.99
N LEU A 210 -0.66 -5.65 22.29
CA LEU A 210 -2.06 -5.17 22.47
C LEU A 210 -2.74 -5.92 23.62
N VAL A 211 -2.34 -7.17 23.89
CA VAL A 211 -2.75 -7.95 25.09
C VAL A 211 -2.20 -7.23 26.33
N ALA A 212 -1.04 -6.60 26.21
CA ALA A 212 -0.33 -5.82 27.25
C ALA A 212 -1.10 -4.52 27.54
N ARG A 213 -1.48 -3.75 26.52
CA ARG A 213 -2.30 -2.53 26.72
C ARG A 213 -3.63 -2.98 27.35
N GLN A 214 -4.19 -4.08 26.84
CA GLN A 214 -5.51 -4.59 27.32
C GLN A 214 -5.45 -4.72 28.84
N ARG A 215 -4.55 -5.59 29.35
CA ARG A 215 -4.30 -5.74 30.80
C ARG A 215 -4.00 -4.37 31.41
N GLU A 216 -2.98 -3.67 30.90
CA GLU A 216 -2.36 -2.47 31.51
C GLU A 216 -3.30 -1.25 31.51
N GLU A 217 -4.34 -1.20 30.68
CA GLU A 217 -5.26 -0.04 30.57
C GLU A 217 -6.61 -0.41 29.96
N GLY A 218 -7.03 -1.68 30.00
CA GLY A 218 -8.33 -2.17 29.48
C GLY A 218 -8.52 -1.93 27.98
N ARG A 219 -7.47 -1.46 27.31
CA ARG A 219 -7.52 -0.60 26.09
C ARG A 219 -8.14 -1.36 24.92
N PRO A 220 -7.43 -2.20 24.14
CA PRO A 220 -8.07 -2.91 23.04
C PRO A 220 -8.93 -4.07 23.56
N ASP A 221 -10.23 -4.01 23.32
CA ASP A 221 -11.14 -5.17 23.55
C ASP A 221 -10.82 -6.22 22.47
N ASP A 222 -11.19 -7.49 22.68
CA ASP A 222 -10.73 -8.63 21.85
C ASP A 222 -11.25 -8.51 20.42
N ASP A 223 -12.43 -7.93 20.23
CA ASP A 223 -13.03 -7.75 18.87
C ASP A 223 -12.28 -6.63 18.16
N GLU A 224 -11.97 -5.54 18.87
CA GLU A 224 -11.13 -4.44 18.35
C GLU A 224 -9.75 -5.00 17.98
N LEU A 225 -9.21 -5.88 18.82
CA LEU A 225 -7.83 -6.40 18.65
C LEU A 225 -7.76 -7.21 17.34
N VAL A 226 -8.76 -8.07 17.11
CA VAL A 226 -8.97 -8.86 15.87
C VAL A 226 -9.09 -7.93 14.66
N GLN A 227 -9.85 -6.82 14.78
CA GLN A 227 -10.03 -5.82 13.71
C GLN A 227 -8.67 -5.20 13.38
N PHE A 228 -7.88 -4.86 14.41
CA PHE A 228 -6.52 -4.26 14.22
C PHE A 228 -5.63 -5.26 13.47
N ALA A 229 -5.60 -6.51 13.93
CA ALA A 229 -4.78 -7.57 13.27
C ALA A 229 -5.21 -7.73 11.80
N THR A 230 -6.51 -7.78 11.51
CA THR A 230 -7.09 -7.93 10.15
C THR A 230 -6.70 -6.74 9.27
N VAL A 231 -6.87 -5.51 9.73
CA VAL A 231 -6.62 -4.33 8.87
C VAL A 231 -5.11 -4.25 8.61
N LEU A 232 -4.30 -4.59 9.61
CA LEU A 232 -2.82 -4.55 9.48
C LEU A 232 -2.43 -5.49 8.33
N LEU A 233 -2.96 -6.71 8.31
CA LEU A 233 -2.71 -7.65 7.19
C LEU A 233 -3.20 -7.08 5.87
N VAL A 234 -4.45 -6.58 5.83
CA VAL A 234 -5.08 -6.11 4.57
C VAL A 234 -4.33 -4.85 4.10
N ALA A 235 -3.94 -3.94 4.98
CA ALA A 235 -3.27 -2.67 4.59
C ALA A 235 -1.82 -2.95 4.16
N GLY A 236 -1.22 -4.04 4.64
CA GLY A 236 0.23 -4.32 4.54
C GLY A 236 0.60 -5.28 3.43
N HIS A 237 -0.34 -6.10 2.96
CA HIS A 237 -0.02 -7.26 2.09
C HIS A 237 0.06 -6.79 0.64
N GLU A 238 -1.06 -6.47 -0.01
CA GLU A 238 -1.05 -6.21 -1.47
C GLU A 238 -0.26 -4.95 -1.81
N THR A 239 -0.31 -3.91 -0.98
CA THR A 239 0.47 -2.68 -1.21
C THR A 239 1.95 -3.09 -1.36
N THR A 240 2.51 -3.77 -0.38
CA THR A 240 3.94 -4.11 -0.36
C THR A 240 4.23 -5.03 -1.56
N ALA A 241 3.40 -6.06 -1.76
CA ALA A 241 3.54 -7.05 -2.84
C ALA A 241 3.55 -6.35 -4.19
N ASN A 242 2.63 -5.40 -4.38
CA ASN A 242 2.51 -4.70 -5.67
C ASN A 242 3.72 -3.80 -5.87
N MET A 243 4.30 -3.24 -4.81
CA MET A 243 5.52 -2.42 -4.98
C MET A 243 6.68 -3.34 -5.38
N ILE A 244 6.75 -4.55 -4.81
CA ILE A 244 7.86 -5.47 -5.17
C ILE A 244 7.73 -5.83 -6.65
N SER A 245 6.55 -6.28 -7.12
CA SER A 245 6.31 -6.73 -8.51
C SER A 245 6.49 -5.56 -9.48
N LEU A 246 5.86 -4.41 -9.24
CA LEU A 246 5.87 -3.31 -10.25
C LEU A 246 7.24 -2.64 -10.23
N ALA A 247 7.88 -2.54 -9.07
CA ALA A 247 9.28 -2.06 -9.00
C ALA A 247 10.15 -2.95 -9.90
N THR A 248 9.98 -4.26 -9.83
CA THR A 248 10.83 -5.22 -10.58
C THR A 248 10.57 -5.07 -12.10
N TYR A 249 9.31 -5.12 -12.49
CA TYR A 249 8.91 -4.87 -13.89
C TYR A 249 9.57 -3.57 -14.34
N THR A 250 9.30 -2.50 -13.62
CA THR A 250 9.77 -1.15 -13.97
C THR A 250 11.30 -1.16 -14.10
N LEU A 251 12.00 -1.79 -13.16
CA LEU A 251 13.48 -1.81 -13.19
C LEU A 251 13.94 -2.53 -14.46
N LEU A 252 13.31 -3.65 -14.81
CA LEU A 252 13.67 -4.47 -16.00
C LEU A 252 13.34 -3.68 -17.28
N GLU A 253 12.37 -2.77 -17.25
CA GLU A 253 12.01 -1.98 -18.45
C GLU A 253 12.91 -0.73 -18.55
N HIS A 254 13.76 -0.44 -17.54
CA HIS A 254 14.72 0.70 -17.53
C HIS A 254 16.14 0.20 -17.28
N PRO A 255 16.73 -0.53 -18.26
CA PRO A 255 17.99 -1.22 -18.06
C PRO A 255 19.10 -0.35 -17.43
N ALA A 256 19.26 0.90 -17.87
CA ALA A 256 20.34 1.80 -17.39
C ALA A 256 20.10 2.17 -15.92
N ARG A 257 18.85 2.33 -15.46
CA ARG A 257 18.56 2.60 -14.03
C ARG A 257 18.81 1.31 -13.21
N LEU A 258 18.45 0.15 -13.75
CA LEU A 258 18.70 -1.14 -13.04
C LEU A 258 20.22 -1.37 -12.87
N ALA A 259 21.01 -1.08 -13.90
CA ALA A 259 22.50 -1.27 -13.93
C ALA A 259 23.15 -0.38 -12.87
N GLU A 260 22.66 0.85 -12.65
CA GLU A 260 23.20 1.75 -11.59
C GLU A 260 22.98 1.12 -10.22
N LEU A 261 21.90 0.37 -9.98
CA LEU A 261 21.61 -0.25 -8.66
C LEU A 261 22.46 -1.52 -8.46
N ARG A 262 22.63 -2.31 -9.51
CA ARG A 262 23.52 -3.50 -9.54
C ARG A 262 24.96 -3.07 -9.21
N ALA A 263 25.45 -2.03 -9.90
CA ALA A 263 26.78 -1.39 -9.70
C ALA A 263 26.92 -0.95 -8.25
N ASP A 264 25.90 -0.30 -7.70
CA ASP A 264 26.00 0.37 -6.37
C ASP A 264 24.82 0.01 -5.47
N PRO A 265 24.88 -1.11 -4.72
CA PRO A 265 23.83 -1.51 -3.80
C PRO A 265 23.47 -0.43 -2.78
N GLY A 266 24.38 0.50 -2.52
CA GLY A 266 24.16 1.63 -1.60
C GLY A 266 23.06 2.55 -2.10
N LEU A 267 22.76 2.54 -3.41
CA LEU A 267 21.67 3.38 -3.97
C LEU A 267 20.29 2.81 -3.63
N VAL A 268 20.18 1.55 -3.20
CA VAL A 268 18.86 0.87 -3.10
C VAL A 268 17.93 1.67 -2.18
N PRO A 269 18.31 2.11 -0.96
CA PRO A 269 17.40 2.94 -0.16
C PRO A 269 16.84 4.15 -0.93
N ALA A 270 17.69 4.95 -1.59
CA ALA A 270 17.25 6.10 -2.41
C ALA A 270 16.32 5.60 -3.53
N ALA A 271 16.66 4.48 -4.17
CA ALA A 271 15.88 3.91 -5.28
C ALA A 271 14.46 3.55 -4.82
N VAL A 272 14.30 3.04 -3.60
CA VAL A 272 12.99 2.62 -3.04
C VAL A 272 12.10 3.88 -2.92
N GLU A 273 12.64 5.00 -2.48
CA GLU A 273 11.87 6.28 -2.34
C GLU A 273 11.46 6.73 -3.74
N GLU A 274 12.37 6.66 -4.71
CA GLU A 274 12.11 7.16 -6.06
C GLU A 274 11.06 6.25 -6.70
N LEU A 275 11.14 4.94 -6.49
CA LEU A 275 10.13 3.99 -7.02
C LEU A 275 8.76 4.21 -6.35
N LEU A 276 8.73 4.47 -5.04
CA LEU A 276 7.46 4.78 -4.34
C LEU A 276 6.82 6.00 -5.02
N ARG A 277 7.62 7.03 -5.25
CA ARG A 277 7.20 8.29 -5.87
C ARG A 277 6.72 8.02 -7.30
N PHE A 278 7.57 7.41 -8.12
CA PHE A 278 7.34 7.27 -9.58
C PHE A 278 6.15 6.35 -9.82
N LEU A 279 5.95 5.33 -8.98
CA LEU A 279 4.94 4.27 -9.23
C LEU A 279 3.61 4.65 -8.59
N SER A 280 3.61 5.18 -7.36
CA SER A 280 2.43 5.78 -6.67
C SER A 280 1.23 4.83 -6.81
N ILE A 281 1.40 3.59 -6.34
CA ILE A 281 0.43 2.48 -6.58
C ILE A 281 -0.83 2.68 -5.74
N ALA A 282 -0.77 3.41 -4.61
CA ALA A 282 -1.96 3.73 -3.81
C ALA A 282 -2.60 4.97 -4.42
N ASP A 283 -3.12 4.84 -5.63
CA ASP A 283 -3.48 5.98 -6.52
C ASP A 283 -4.94 6.34 -6.24
N GLY A 284 -5.22 7.56 -5.81
CA GLY A 284 -6.62 8.06 -5.68
C GLY A 284 -7.16 7.84 -4.28
N LEU A 285 -6.56 8.51 -3.31
CA LEU A 285 -7.12 8.62 -1.95
C LEU A 285 -8.42 9.44 -2.05
N VAL A 286 -9.47 9.01 -1.36
CA VAL A 286 -10.85 9.57 -1.44
C VAL A 286 -11.24 10.14 -0.08
N ARG A 287 -11.74 11.38 -0.12
CA ARG A 287 -12.33 12.07 1.06
C ARG A 287 -13.68 12.68 0.69
N VAL A 288 -14.49 13.00 1.70
CA VAL A 288 -15.63 13.96 1.56
C VAL A 288 -15.43 15.11 2.57
N ALA A 289 -15.71 16.36 2.15
CA ALA A 289 -15.77 17.55 3.03
C ALA A 289 -16.98 17.45 3.99
N ARG A 290 -16.73 17.51 5.30
CA ARG A 290 -17.76 17.55 6.37
C ARG A 290 -18.23 19.00 6.55
N GLU A 291 -17.31 19.94 6.31
CA GLU A 291 -17.52 21.39 6.37
C GLU A 291 -16.86 22.02 5.14
N ASP A 292 -17.19 23.27 4.85
CA ASP A 292 -16.56 24.04 3.76
C ASP A 292 -15.06 24.11 4.05
N VAL A 293 -14.23 23.77 3.06
CA VAL A 293 -12.75 23.94 3.13
C VAL A 293 -12.30 24.81 1.98
N PRO A 294 -11.72 25.99 2.25
CA PRO A 294 -11.19 26.86 1.19
C PRO A 294 -9.84 26.34 0.70
N VAL A 295 -9.54 26.55 -0.58
CA VAL A 295 -8.19 26.32 -1.17
C VAL A 295 -7.95 27.42 -2.19
N GLY A 296 -6.99 28.31 -1.92
CA GLY A 296 -6.91 29.62 -2.59
C GLY A 296 -8.27 30.30 -2.48
N ASP A 297 -8.88 30.65 -3.61
CA ASP A 297 -10.21 31.31 -3.60
C ASP A 297 -11.27 30.32 -4.07
N GLN A 298 -10.97 29.02 -4.03
CA GLN A 298 -11.95 27.98 -4.36
C GLN A 298 -12.40 27.37 -3.03
N VAL A 299 -13.67 27.01 -2.93
CA VAL A 299 -14.23 26.41 -1.70
C VAL A 299 -14.70 25.01 -2.04
N ILE A 300 -14.32 24.05 -1.21
CA ILE A 300 -14.85 22.68 -1.27
C ILE A 300 -15.97 22.68 -0.26
N ARG A 301 -17.20 22.62 -0.75
CA ARG A 301 -18.40 22.75 0.11
C ARG A 301 -18.60 21.42 0.84
N ALA A 302 -19.12 21.50 2.06
CA ALA A 302 -19.66 20.35 2.81
C ALA A 302 -20.34 19.38 1.81
N GLY A 303 -20.01 18.09 1.88
CA GLY A 303 -20.66 17.02 1.09
C GLY A 303 -20.02 16.81 -0.28
N GLU A 304 -19.13 17.68 -0.73
CA GLU A 304 -18.38 17.51 -2.01
C GLU A 304 -17.22 16.53 -1.81
N GLY A 305 -17.03 15.64 -2.80
CA GLY A 305 -15.96 14.64 -2.87
C GLY A 305 -14.63 15.29 -3.21
N VAL A 306 -13.56 14.73 -2.66
CA VAL A 306 -12.15 15.14 -2.92
C VAL A 306 -11.34 13.88 -3.22
N VAL A 307 -10.69 13.86 -4.39
CA VAL A 307 -9.80 12.74 -4.81
C VAL A 307 -8.39 13.28 -4.87
N PHE A 308 -7.44 12.53 -4.31
CA PHE A 308 -5.98 12.84 -4.31
C PHE A 308 -5.28 11.84 -5.22
N PRO A 309 -5.01 12.19 -6.50
CA PRO A 309 -4.34 11.29 -7.45
C PRO A 309 -2.85 11.33 -7.12
N THR A 310 -2.49 10.50 -6.14
CA THR A 310 -1.12 10.24 -5.63
C THR A 310 -0.09 10.35 -6.77
N SER A 311 -0.30 9.61 -7.84
CA SER A 311 0.63 9.55 -9.00
C SER A 311 0.86 10.95 -9.59
N LEU A 312 -0.16 11.80 -9.73
CA LEU A 312 0.06 13.14 -10.35
C LEU A 312 0.71 14.05 -9.32
N ILE A 313 0.23 14.02 -8.07
CA ILE A 313 0.76 14.83 -6.95
C ILE A 313 2.27 14.54 -6.83
N ASN A 314 2.67 13.27 -6.93
CA ASN A 314 4.10 12.87 -6.88
C ASN A 314 4.84 13.17 -8.20
N ARG A 315 4.17 13.74 -9.22
CA ARG A 315 4.82 14.23 -10.45
C ARG A 315 4.59 15.73 -10.67
N ASP A 316 4.39 16.48 -9.59
CA ASP A 316 4.22 17.96 -9.61
C ASP A 316 5.61 18.58 -9.89
N ASP A 317 5.74 19.21 -11.04
CA ASP A 317 7.06 19.64 -11.55
C ASP A 317 7.52 20.91 -10.82
N SER A 318 6.71 21.46 -9.90
CA SER A 318 7.15 22.56 -9.00
C SER A 318 7.87 21.98 -7.80
N VAL A 319 7.82 20.66 -7.61
CA VAL A 319 8.54 19.92 -6.52
C VAL A 319 9.64 19.02 -7.13
N TYR A 320 9.37 18.35 -8.25
CA TYR A 320 10.24 17.31 -8.87
C TYR A 320 10.55 17.72 -10.31
N GLU A 321 11.78 18.15 -10.60
CA GLU A 321 12.27 18.38 -11.99
C GLU A 321 12.23 17.05 -12.76
N HIS A 322 11.87 17.10 -14.05
CA HIS A 322 11.70 15.91 -14.93
C HIS A 322 10.92 14.83 -14.19
N PRO A 323 9.66 15.11 -13.78
CA PRO A 323 8.96 14.25 -12.83
C PRO A 323 8.56 12.88 -13.38
N ASP A 324 8.45 12.76 -14.69
CA ASP A 324 7.99 11.53 -15.41
C ASP A 324 9.19 10.63 -15.71
N THR A 325 10.36 10.96 -15.19
CA THR A 325 11.58 10.15 -15.41
C THR A 325 12.06 9.58 -14.07
N LEU A 326 12.51 8.34 -14.11
CA LEU A 326 13.18 7.67 -12.97
C LEU A 326 14.60 8.25 -12.84
N ASP A 327 14.93 8.77 -11.66
CA ASP A 327 16.25 9.41 -11.39
C ASP A 327 16.67 9.12 -9.95
N TRP A 328 17.74 8.34 -9.76
CA TRP A 328 18.18 7.91 -8.40
C TRP A 328 18.83 9.07 -7.62
N SER A 329 19.29 10.12 -8.28
CA SER A 329 20.02 11.25 -7.62
C SER A 329 19.06 12.37 -7.21
N ARG A 330 17.92 12.55 -7.89
CA ARG A 330 16.95 13.62 -7.58
C ARG A 330 16.14 13.23 -6.33
N SER A 331 16.34 13.93 -5.21
CA SER A 331 15.54 13.79 -3.97
C SER A 331 14.05 13.54 -4.31
N ALA A 332 13.54 12.37 -3.89
CA ALA A 332 12.12 11.97 -3.93
C ALA A 332 11.47 12.27 -2.57
N ARG A 333 12.11 13.10 -1.73
CA ARG A 333 11.63 13.43 -0.37
C ARG A 333 10.30 14.22 -0.49
N HIS A 334 9.46 14.07 0.53
CA HIS A 334 8.14 14.75 0.66
C HIS A 334 7.12 14.15 -0.32
N HIS A 335 7.40 12.99 -0.93
CA HIS A 335 6.41 12.29 -1.79
C HIS A 335 5.23 11.84 -0.92
N VAL A 336 4.09 11.55 -1.54
CA VAL A 336 2.85 11.18 -0.81
C VAL A 336 2.42 9.74 -1.13
N ALA A 337 3.36 8.86 -1.49
CA ALA A 337 3.05 7.45 -1.81
C ALA A 337 2.49 6.72 -0.57
N PHE A 338 2.84 7.20 0.63
CA PHE A 338 2.28 6.67 1.91
C PHE A 338 1.20 7.60 2.48
N GLY A 339 0.60 8.45 1.66
CA GLY A 339 -0.28 9.54 2.10
C GLY A 339 0.47 10.56 2.94
N PHE A 340 -0.23 11.18 3.89
CA PHE A 340 0.26 12.36 4.64
C PHE A 340 -0.79 12.80 5.66
N GLY A 341 -0.30 13.36 6.77
CA GLY A 341 -1.13 13.97 7.83
C GLY A 341 -1.92 12.93 8.56
N ILE A 342 -3.24 13.10 8.62
CA ILE A 342 -4.09 12.38 9.61
C ILE A 342 -3.93 10.87 9.42
N HIS A 343 -3.96 10.37 8.17
CA HIS A 343 -4.06 8.91 7.88
C HIS A 343 -2.77 8.35 7.25
N GLN A 344 -1.67 9.08 7.35
CA GLN A 344 -0.35 8.70 6.75
C GLN A 344 -0.07 7.26 7.14
N CYS A 345 0.40 6.46 6.19
CA CYS A 345 0.65 5.01 6.39
C CYS A 345 1.32 4.74 7.75
N LEU A 346 0.66 3.95 8.60
CA LEU A 346 1.18 3.49 9.89
C LEU A 346 2.40 2.56 9.67
N GLY A 347 2.42 1.76 8.60
CA GLY A 347 3.43 0.73 8.33
C GLY A 347 4.54 1.18 7.40
N GLN A 348 4.71 2.47 7.17
CA GLN A 348 5.65 2.94 6.12
C GLN A 348 7.12 2.69 6.49
N ASN A 349 7.52 2.80 7.77
CA ASN A 349 8.90 2.48 8.25
C ASN A 349 9.21 1.01 7.93
N LEU A 350 8.25 0.11 8.18
CA LEU A 350 8.39 -1.34 7.89
C LEU A 350 8.40 -1.60 6.38
N ALA A 351 7.45 -1.00 5.66
CA ALA A 351 7.30 -1.14 4.19
C ALA A 351 8.61 -0.77 3.51
N ARG A 352 9.21 0.35 3.88
CA ARG A 352 10.46 0.79 3.21
C ARG A 352 11.54 -0.30 3.35
N ILE A 353 11.68 -0.88 4.53
CA ILE A 353 12.75 -1.87 4.83
C ILE A 353 12.42 -3.18 4.11
N GLU A 354 11.14 -3.57 4.06
CA GLU A 354 10.75 -4.75 3.25
C GLU A 354 11.18 -4.54 1.80
N LEU A 355 10.86 -3.37 1.23
CA LEU A 355 11.18 -3.10 -0.18
C LEU A 355 12.72 -3.10 -0.38
N GLU A 356 13.46 -2.45 0.51
CA GLU A 356 14.93 -2.35 0.45
C GLU A 356 15.58 -3.77 0.45
N ILE A 357 15.15 -4.65 1.34
CA ILE A 357 15.70 -6.02 1.51
C ILE A 357 15.19 -6.92 0.37
N ALA A 358 13.92 -6.84 -0.02
CA ALA A 358 13.34 -7.71 -1.07
C ALA A 358 14.02 -7.40 -2.41
N LEU A 359 14.05 -6.13 -2.81
CA LEU A 359 14.58 -5.72 -4.14
C LEU A 359 16.12 -5.81 -4.15
N GLY A 360 16.73 -5.41 -3.04
CA GLY A 360 18.20 -5.41 -2.84
C GLY A 360 18.76 -6.82 -2.95
N THR A 361 18.08 -7.80 -2.35
CA THR A 361 18.52 -9.22 -2.34
C THR A 361 18.21 -9.87 -3.70
N LEU A 362 17.02 -9.61 -4.28
CA LEU A 362 16.69 -10.07 -5.64
C LEU A 362 17.79 -9.65 -6.61
N LEU A 363 18.12 -8.36 -6.69
CA LEU A 363 19.16 -7.80 -7.60
C LEU A 363 20.52 -8.47 -7.35
N ARG A 364 20.87 -8.70 -6.08
CA ARG A 364 22.21 -9.22 -5.70
C ARG A 364 22.31 -10.66 -6.20
N ARG A 365 21.27 -11.46 -5.99
CA ARG A 365 21.28 -12.93 -6.15
C ARG A 365 20.99 -13.29 -7.61
N LEU A 366 20.21 -12.47 -8.32
CA LEU A 366 19.78 -12.82 -9.71
C LEU A 366 20.20 -11.74 -10.70
N PRO A 367 21.51 -11.57 -10.94
CA PRO A 367 21.99 -10.52 -11.84
C PRO A 367 21.48 -10.71 -13.29
N GLY A 368 21.19 -11.96 -13.72
CA GLY A 368 20.64 -12.24 -15.05
C GLY A 368 19.14 -12.08 -15.13
N LEU A 369 18.48 -11.59 -14.08
CA LEU A 369 16.99 -11.47 -14.07
C LEU A 369 16.53 -10.75 -15.35
N ARG A 370 15.53 -11.31 -16.02
CA ARG A 370 14.90 -10.68 -17.21
C ARG A 370 13.47 -11.20 -17.31
N LEU A 371 12.61 -10.47 -18.01
CA LEU A 371 11.23 -10.93 -18.35
C LEU A 371 11.29 -12.24 -19.14
N ALA A 372 10.44 -13.19 -18.77
CA ALA A 372 10.28 -14.49 -19.44
C ALA A 372 9.06 -14.43 -20.37
N ALA A 373 8.48 -13.25 -20.55
CA ALA A 373 7.41 -13.02 -21.54
C ALA A 373 7.55 -11.60 -22.07
N PRO A 374 7.03 -11.33 -23.29
CA PRO A 374 6.88 -9.96 -23.79
C PRO A 374 6.16 -9.06 -22.76
N ALA A 375 6.66 -7.84 -22.53
CA ALA A 375 6.21 -6.91 -21.48
C ALA A 375 4.71 -6.56 -21.64
N ASP A 376 4.14 -6.64 -22.84
CA ASP A 376 2.73 -6.22 -23.09
C ASP A 376 1.78 -7.43 -22.99
N ARG A 377 2.28 -8.61 -22.70
CA ARG A 377 1.43 -9.78 -22.43
C ARG A 377 1.35 -10.02 -20.93
N ILE A 378 1.91 -9.13 -20.10
CA ILE A 378 1.97 -9.32 -18.62
C ILE A 378 0.84 -8.52 -17.98
N PRO A 379 -0.16 -9.17 -17.35
CA PRO A 379 -1.34 -8.48 -16.84
C PRO A 379 -1.05 -7.68 -15.55
N PHE A 380 -1.70 -6.52 -15.43
CA PHE A 380 -1.55 -5.59 -14.28
C PHE A 380 -2.96 -5.17 -13.84
N LYS A 381 -3.06 -4.58 -12.66
CA LYS A 381 -4.35 -4.30 -11.98
C LYS A 381 -5.09 -3.20 -12.76
N PRO A 382 -6.44 -3.26 -12.73
CA PRO A 382 -7.27 -2.17 -13.24
C PRO A 382 -7.15 -0.87 -12.43
N GLY A 383 -7.67 0.21 -13.00
CA GLY A 383 -7.54 1.57 -12.45
C GLY A 383 -8.27 1.74 -11.11
N ASP A 384 -9.20 0.87 -10.74
CA ASP A 384 -10.06 1.15 -9.56
C ASP A 384 -9.50 0.46 -8.29
N THR A 385 -8.26 -0.01 -8.30
CA THR A 385 -7.73 -0.76 -7.14
C THR A 385 -6.26 -0.39 -6.96
N ILE A 386 -5.58 -0.94 -5.95
CA ILE A 386 -4.11 -0.77 -5.77
C ILE A 386 -3.44 -1.19 -7.09
N GLN A 387 -2.59 -0.36 -7.66
CA GLN A 387 -1.89 -0.61 -8.95
C GLN A 387 -0.79 -1.64 -8.71
N GLY A 388 -0.47 -2.44 -9.73
CA GLY A 388 0.59 -3.45 -9.65
C GLY A 388 0.36 -4.59 -10.63
N MET A 389 1.28 -5.56 -10.61
CA MET A 389 1.31 -6.69 -11.55
C MET A 389 0.48 -7.82 -10.96
N LEU A 390 -0.27 -8.52 -11.79
CA LEU A 390 -1.03 -9.72 -11.38
C LEU A 390 -0.14 -10.94 -11.49
N GLU A 391 0.75 -10.92 -12.48
CA GLU A 391 1.82 -11.94 -12.69
C GLU A 391 3.07 -11.21 -13.17
N LEU A 392 4.23 -11.88 -13.02
CA LEU A 392 5.52 -11.39 -13.56
C LEU A 392 6.41 -12.59 -13.87
N PRO A 393 6.27 -13.18 -15.09
CA PRO A 393 7.15 -14.27 -15.55
C PRO A 393 8.59 -13.77 -15.77
N VAL A 394 9.52 -14.34 -15.01
CA VAL A 394 10.95 -13.97 -15.00
C VAL A 394 11.83 -15.23 -15.16
N THR A 395 13.03 -15.00 -15.67
CA THR A 395 14.10 -16.03 -15.84
C THR A 395 15.40 -15.32 -15.46
N TRP A 396 16.54 -16.01 -15.42
CA TRP A 396 17.79 -15.47 -14.79
C TRP A 396 19.06 -16.25 -15.19
CHA HEM B . -2.50 3.94 5.25
CHB HEM B . 0.17 3.22 1.27
CHC HEM B . 2.25 -0.45 3.54
CHD HEM B . -0.79 -0.12 7.25
C1A HEM B . -1.92 4.07 4.01
C2A HEM B . -2.15 5.18 3.13
C3A HEM B . -1.41 4.96 2.03
C4A HEM B . -0.72 3.72 2.19
CMA HEM B . -1.33 5.84 0.82
CAA HEM B . -3.06 6.39 3.29
CBA HEM B . -4.46 6.10 2.68
CGA HEM B . -5.37 7.35 2.70
O1A HEM B . -4.94 8.40 3.20
O2A HEM B . -6.56 7.30 2.22
C1B HEM B . 1.01 2.13 1.56
C2B HEM B . 2.01 1.61 0.67
C3B HEM B . 2.59 0.55 1.33
C4B HEM B . 1.93 0.48 2.63
CMB HEM B . 2.33 2.15 -0.70
CAB HEM B . 3.70 -0.36 0.99
CBB HEM B . 4.50 -0.15 -0.01
C1C HEM B . 1.63 -0.70 4.74
C2C HEM B . 2.06 -1.64 5.69
C3C HEM B . 1.20 -1.57 6.76
C4C HEM B . 0.24 -0.58 6.45
CMC HEM B . 3.24 -2.59 5.61
CAC HEM B . 1.48 -2.49 7.88
CBC HEM B . 0.77 -2.55 8.93
C1D HEM B . -1.47 1.06 6.99
C2D HEM B . -2.51 1.53 7.91
C3D HEM B . -2.98 2.67 7.38
C4D HEM B . -2.23 2.89 6.10
CMD HEM B . -2.95 0.89 9.21
CAD HEM B . -4.06 3.54 7.99
CBD HEM B . -3.41 4.56 8.94
CGD HEM B . -4.40 5.53 9.59
O1D HEM B . -3.99 6.41 10.43
O2D HEM B . -5.62 5.50 9.28
NA HEM B . -1.00 3.21 3.41
NB HEM B . 1.00 1.43 2.68
NC HEM B . 0.55 -0.06 5.22
ND HEM B . -1.34 1.89 5.91
FE HEM B . -0.16 1.72 4.41
C25 EV1 C . -9.98 -1.10 4.45
O24 EV1 C . -8.75 -1.80 4.45
C16 EV1 C . -7.59 -1.13 4.14
C15 EV1 C . -7.10 -0.26 5.14
O22 EV1 C . -7.86 -0.19 6.27
C23 EV1 C . -7.16 -0.02 7.50
C14 EV1 C . -5.93 0.44 4.94
C13 EV1 C . -5.25 0.29 3.74
C17 EV1 C . -6.87 -1.28 2.96
C12 EV1 C . -5.69 -0.57 2.76
C11 EV1 C . -4.88 -0.71 1.48
C10 EV1 C . -4.76 0.66 0.87
N9 EV1 C . -3.99 1.51 1.53
C8 EV1 C . -3.88 2.79 1.05
C7 EV1 C . -4.47 3.23 -0.08
C2 EV1 C . -5.28 2.35 -0.84
C3 EV1 C . -5.44 1.03 -0.35
C4 EV1 C . -6.24 0.12 -1.09
C5 EV1 C . -6.87 0.51 -2.25
O20 EV1 C . -7.66 -0.27 -3.03
C21 EV1 C . -8.09 -1.53 -2.53
C6 EV1 C . -6.70 1.86 -2.75
C1 EV1 C . -5.92 2.74 -2.04
O18 EV1 C . -7.37 2.12 -3.91
C19 EV1 C . -7.01 3.28 -4.65
#